data_5PO9
#
_entry.id   5PO9
#
_cell.length_a   54.778
_cell.length_b   56.410
_cell.length_c   100.661
_cell.angle_alpha   90.000
_cell.angle_beta   90.000
_cell.angle_gamma   90.000
#
_symmetry.space_group_name_H-M   'P 21 21 21'
#
loop_
_entity.id
_entity.type
_entity.pdbx_description
1 polymer 'Bromodomain-containing protein 1'
2 non-polymer 1-methyl-4-phenyl-3-(trifluoromethyl)-1H-pyrazol-5-amine
3 non-polymer 'SODIUM ION'
4 non-polymer 1,2-ETHANEDIOL
5 water water
#
_entity_poly.entity_id   1
_entity_poly.type   'polypeptide(L)'
_entity_poly.pdbx_seq_one_letter_code
;MHHHHHHSSGVDLGTENLYFQSMEQVAMELRLTELTRLLRSVLDQLQDKDPARIFAQPVSLKEVPDYLDHIKHPMDFATM
RKRLEAQGYKNLHEFEEDFDLIIDNCMKYNARDTVFYRAAVRLRDQGGVVLRQARREVDSIGLEEASGMHLPERPA
;
_entity_poly.pdbx_strand_id   A,B
#
loop_
_chem_comp.id
_chem_comp.type
_chem_comp.name
_chem_comp.formula
8T7 non-polymer 1-methyl-4-phenyl-3-(trifluoromethyl)-1H-pyrazol-5-amine 'C11 H10 F3 N3'
EDO non-polymer 1,2-ETHANEDIOL 'C2 H6 O2'
NA non-polymer 'SODIUM ION' 'Na 1'
#
# COMPACT_ATOMS: atom_id res chain seq x y z
N SER A 22 4.97 -32.42 16.86
CA SER A 22 3.68 -33.05 16.50
C SER A 22 3.56 -33.33 15.00
N MET A 23 2.65 -34.23 14.64
CA MET A 23 2.45 -34.56 13.24
CA MET A 23 2.42 -34.59 13.24
C MET A 23 1.70 -33.45 12.53
N GLU A 24 0.86 -32.72 13.27
CA GLU A 24 0.17 -31.57 12.71
C GLU A 24 1.21 -30.50 12.29
N GLN A 25 2.26 -30.33 13.10
CA GLN A 25 3.31 -29.37 12.82
C GLN A 25 4.12 -29.72 11.56
N VAL A 26 4.40 -31.01 11.39
CA VAL A 26 5.02 -31.53 10.16
C VAL A 26 4.10 -31.35 8.93
N ALA A 27 2.78 -31.43 9.16
CA ALA A 27 1.79 -31.15 8.12
C ALA A 27 1.88 -29.69 7.69
N MET A 28 1.81 -28.81 8.69
CA MET A 28 1.91 -27.36 8.50
C MET A 28 3.17 -26.97 7.77
N GLU A 29 4.27 -27.65 8.08
CA GLU A 29 5.56 -27.38 7.47
C GLU A 29 5.58 -27.86 6.03
N LEU A 30 4.90 -28.98 5.75
CA LEU A 30 4.82 -29.46 4.39
C LEU A 30 4.11 -28.43 3.51
N ARG A 31 3.02 -27.86 4.01
CA ARG A 31 2.27 -26.86 3.26
C ARG A 31 3.09 -25.59 3.05
N LEU A 32 3.65 -25.07 4.13
CA LEU A 32 4.49 -23.89 4.04
C LEU A 32 5.65 -24.14 3.07
N THR A 33 6.18 -25.35 3.09
CA THR A 33 7.29 -25.71 2.20
C THR A 33 6.81 -25.68 0.75
N GLU A 34 5.62 -26.19 0.52
CA GLU A 34 5.10 -26.24 -0.84
C GLU A 34 4.59 -24.87 -1.31
N LEU A 35 4.18 -24.03 -0.38
CA LEU A 35 3.95 -22.62 -0.72
C LEU A 35 5.26 -21.97 -1.15
N THR A 36 6.31 -22.18 -0.36
CA THR A 36 7.65 -21.69 -0.67
C THR A 36 8.12 -22.19 -2.02
N ARG A 37 7.87 -23.47 -2.32
CA ARG A 37 8.31 -24.03 -3.58
C ARG A 37 7.56 -23.38 -4.72
N LEU A 38 6.31 -23.01 -4.48
CA LEU A 38 5.52 -22.29 -5.46
C LEU A 38 6.00 -20.85 -5.65
N LEU A 39 6.28 -20.16 -4.56
CA LEU A 39 6.75 -18.78 -4.63
C LEU A 39 8.14 -18.66 -5.23
N ARG A 40 9.00 -19.67 -5.04
CA ARG A 40 10.31 -19.63 -5.69
C ARG A 40 10.12 -19.57 -7.20
N SER A 41 9.25 -20.44 -7.71
CA SER A 41 8.98 -20.49 -9.13
C SER A 41 8.48 -19.14 -9.61
N VAL A 42 7.51 -18.62 -8.89
CA VAL A 42 6.95 -17.31 -9.24
C VAL A 42 8.03 -16.22 -9.27
N LEU A 43 8.87 -16.20 -8.25
CA LEU A 43 9.89 -15.18 -8.19
C LEU A 43 10.90 -15.39 -9.31
N ASP A 44 11.19 -16.64 -9.64
CA ASP A 44 12.14 -16.92 -10.71
C ASP A 44 11.60 -16.44 -12.04
N GLN A 45 10.30 -16.63 -12.24
CA GLN A 45 9.67 -16.10 -13.43
C GLN A 45 9.75 -14.57 -13.46
N LEU A 46 9.42 -13.95 -12.34
CA LEU A 46 9.43 -12.49 -12.27
C LEU A 46 10.81 -11.87 -12.61
N GLN A 47 11.87 -12.34 -11.99
CA GLN A 47 13.21 -11.82 -12.30
C GLN A 47 13.62 -12.09 -13.76
N ASP A 48 13.04 -13.11 -14.39
CA ASP A 48 13.30 -13.31 -15.81
C ASP A 48 12.69 -12.18 -16.62
N LYS A 49 11.70 -11.50 -16.05
CA LYS A 49 11.06 -10.38 -16.75
C LYS A 49 11.78 -9.08 -16.52
N ASP A 50 12.91 -9.13 -15.81
CA ASP A 50 13.74 -7.95 -15.57
C ASP A 50 15.18 -8.33 -15.97
N PRO A 51 15.41 -8.55 -17.28
CA PRO A 51 16.77 -8.87 -17.72
C PRO A 51 17.76 -7.72 -17.54
N ALA A 52 17.27 -6.48 -17.39
CA ALA A 52 18.19 -5.37 -17.10
C ALA A 52 18.69 -5.49 -15.67
N ARG A 53 17.95 -6.24 -14.86
CA ARG A 53 18.26 -6.47 -13.45
C ARG A 53 18.21 -5.18 -12.65
N ILE A 54 17.34 -4.31 -13.13
CA ILE A 54 16.91 -3.06 -12.53
C ILE A 54 16.38 -3.23 -11.10
N PHE A 55 15.70 -4.35 -10.85
CA PHE A 55 15.05 -4.60 -9.57
C PHE A 55 15.68 -5.72 -8.76
N ALA A 56 16.88 -6.15 -9.15
CA ALA A 56 17.50 -7.33 -8.54
C ALA A 56 18.12 -7.10 -7.15
N GLN A 57 18.54 -5.89 -6.84
CA GLN A 57 19.18 -5.62 -5.56
C GLN A 57 18.59 -4.34 -4.99
N PRO A 58 18.72 -4.13 -3.67
CA PRO A 58 18.25 -2.86 -3.11
C PRO A 58 18.81 -1.65 -3.86
N VAL A 59 17.99 -0.62 -4.06
CA VAL A 59 18.48 0.65 -4.58
C VAL A 59 19.62 1.12 -3.70
N SER A 60 20.72 1.55 -4.31
CA SER A 60 21.91 1.93 -3.57
C SER A 60 21.80 3.31 -2.94
N LEU A 61 21.88 3.40 -1.62
CA LEU A 61 21.80 4.69 -0.95
C LEU A 61 23.06 5.50 -1.23
N LYS A 62 24.14 4.83 -1.63
CA LYS A 62 25.34 5.58 -1.99
C LYS A 62 25.11 6.31 -3.32
N GLU A 63 24.49 5.62 -4.26
CA GLU A 63 24.17 6.20 -5.57
C GLU A 63 22.92 7.09 -5.55
N VAL A 64 21.98 6.82 -4.65
CA VAL A 64 20.80 7.67 -4.52
C VAL A 64 20.61 8.10 -3.07
N PRO A 65 21.40 9.08 -2.62
CA PRO A 65 21.50 9.36 -1.19
C PRO A 65 20.20 9.84 -0.54
N ASP A 66 19.25 10.36 -1.32
CA ASP A 66 17.99 10.83 -0.73
C ASP A 66 16.86 9.83 -0.91
N TYR A 67 17.19 8.64 -1.38
CA TYR A 67 16.17 7.65 -1.65
C TYR A 67 15.25 7.43 -0.46
N LEU A 68 15.80 7.31 0.73
CA LEU A 68 14.95 7.03 1.90
C LEU A 68 14.15 8.23 2.35
N ASP A 69 14.51 9.43 1.90
CA ASP A 69 13.64 10.56 2.17
C ASP A 69 12.34 10.43 1.40
N HIS A 70 12.37 9.65 0.32
CA HIS A 70 11.22 9.51 -0.57
C HIS A 70 10.50 8.20 -0.37
N ILE A 71 11.26 7.13 -0.17
CA ILE A 71 10.66 5.80 -0.12
C ILE A 71 10.77 5.27 1.29
N LYS A 72 9.64 5.00 1.92
CA LYS A 72 9.66 4.55 3.31
C LYS A 72 9.88 3.04 3.48
N HIS A 73 9.57 2.26 2.45
CA HIS A 73 9.75 0.82 2.52
C HIS A 73 10.29 0.25 1.22
N PRO A 74 11.62 0.26 1.07
CA PRO A 74 12.29 -0.25 -0.12
C PRO A 74 12.12 -1.74 -0.27
N MET A 75 12.10 -2.21 -1.50
CA MET A 75 12.06 -3.64 -1.74
C MET A 75 12.76 -3.95 -3.07
N ASP A 76 13.21 -5.19 -3.19
CA ASP A 76 13.90 -5.63 -4.38
C ASP A 76 13.86 -7.16 -4.37
N PHE A 77 14.16 -7.78 -5.50
CA PHE A 77 14.05 -9.22 -5.64
C PHE A 77 14.94 -10.04 -4.71
N ALA A 78 16.15 -9.56 -4.40
CA ALA A 78 17.08 -10.35 -3.60
C ALA A 78 16.62 -10.42 -2.16
N THR A 79 16.00 -9.31 -1.74
CA THR A 79 15.45 -9.17 -0.41
C THR A 79 14.23 -10.06 -0.28
N MET A 80 13.46 -10.16 -1.36
CA MET A 80 12.32 -11.09 -1.39
C MET A 80 12.80 -12.55 -1.32
N ARG A 81 13.83 -12.88 -2.08
CA ARG A 81 14.34 -14.24 -2.07
C ARG A 81 14.90 -14.68 -0.69
N LYS A 82 15.54 -13.77 0.04
CA LYS A 82 16.02 -14.13 1.37
C LYS A 82 14.87 -14.36 2.33
N ARG A 83 13.80 -13.59 2.18
CA ARG A 83 12.61 -13.82 3.01
C ARG A 83 11.96 -15.14 2.61
N LEU A 84 11.85 -15.37 1.31
CA LEU A 84 11.32 -16.60 0.77
C LEU A 84 12.01 -17.83 1.32
N GLU A 85 13.34 -17.87 1.22
CA GLU A 85 14.08 -19.07 1.61
C GLU A 85 14.08 -19.26 3.14
N ALA A 86 13.84 -18.17 3.85
CA ALA A 86 13.63 -18.23 5.29
C ALA A 86 12.18 -18.62 5.56
N GLN A 87 11.47 -18.94 4.48
CA GLN A 87 10.06 -19.29 4.55
C GLN A 87 9.27 -18.27 5.36
N GLY A 88 9.54 -17.00 5.11
CA GLY A 88 8.86 -15.93 5.82
C GLY A 88 7.64 -15.38 5.08
N TYR A 89 7.27 -16.01 3.98
CA TYR A 89 6.00 -15.69 3.33
C TYR A 89 4.97 -16.76 3.68
N LYS A 90 3.98 -16.37 4.48
CA LYS A 90 2.98 -17.30 5.01
C LYS A 90 1.89 -17.56 3.98
N ASN A 91 1.75 -16.67 3.03
CA ASN A 91 0.69 -16.76 2.03
C ASN A 91 1.03 -15.93 0.83
N LEU A 92 0.21 -16.04 -0.21
CA LEU A 92 0.49 -15.35 -1.46
C LEU A 92 0.32 -13.85 -1.31
N HIS A 93 -0.54 -13.41 -0.40
CA HIS A 93 -0.77 -11.98 -0.25
C HIS A 93 0.50 -11.25 0.16
N GLU A 94 1.15 -11.75 1.20
CA GLU A 94 2.37 -11.16 1.75
C GLU A 94 3.43 -11.00 0.66
N PHE A 95 3.48 -11.95 -0.26
CA PHE A 95 4.48 -11.99 -1.32
C PHE A 95 4.12 -10.91 -2.31
N GLU A 96 2.85 -10.87 -2.70
CA GLU A 96 2.36 -9.84 -3.61
C GLU A 96 2.60 -8.43 -3.09
N GLU A 97 2.40 -8.21 -1.79
N GLU A 97 2.40 -8.23 -1.78
CA GLU A 97 2.60 -6.88 -1.22
CA GLU A 97 2.57 -6.91 -1.18
C GLU A 97 4.01 -6.40 -1.43
C GLU A 97 4.00 -6.40 -1.32
N ASP A 98 4.98 -7.30 -1.33
CA ASP A 98 6.35 -6.90 -1.53
C ASP A 98 6.59 -6.63 -3.00
N PHE A 99 5.97 -7.41 -3.88
CA PHE A 99 6.11 -7.20 -5.30
C PHE A 99 5.62 -5.81 -5.64
N ASP A 100 4.44 -5.49 -5.12
CA ASP A 100 3.85 -4.18 -5.28
C ASP A 100 4.78 -3.07 -4.76
N LEU A 101 5.50 -3.30 -3.67
CA LEU A 101 6.40 -2.26 -3.18
C LEU A 101 7.47 -1.96 -4.25
N ILE A 102 8.06 -3.00 -4.81
CA ILE A 102 9.08 -2.86 -5.85
C ILE A 102 8.57 -1.99 -6.97
N ILE A 103 7.37 -2.29 -7.45
CA ILE A 103 6.75 -1.58 -8.56
CA ILE A 103 6.78 -1.56 -8.56
C ILE A 103 6.40 -0.14 -8.17
N ASP A 104 5.70 -0.02 -7.04
CA ASP A 104 5.19 1.27 -6.60
C ASP A 104 6.28 2.23 -6.18
N ASN A 105 7.31 1.71 -5.53
CA ASN A 105 8.43 2.56 -5.13
C ASN A 105 9.05 3.16 -6.37
N CYS A 106 9.23 2.32 -7.38
CA CYS A 106 9.88 2.75 -8.61
C CYS A 106 9.07 3.82 -9.32
N MET A 107 7.75 3.69 -9.25
CA MET A 107 6.85 4.63 -9.94
C MET A 107 6.66 5.94 -9.20
N LYS A 108 7.00 5.97 -7.91
CA LYS A 108 6.92 7.23 -7.18
CA LYS A 108 6.94 7.21 -7.14
C LYS A 108 8.18 8.07 -7.38
N TYR A 109 9.32 7.45 -7.17
CA TYR A 109 10.58 8.16 -7.29
C TYR A 109 10.79 8.66 -8.73
N ASN A 110 10.46 7.85 -9.73
CA ASN A 110 10.74 8.23 -11.12
C ASN A 110 9.51 8.75 -11.86
N ALA A 111 9.71 9.78 -12.68
CA ALA A 111 8.60 10.45 -13.40
C ALA A 111 8.07 9.61 -14.56
N ARG A 112 6.83 9.88 -14.95
CA ARG A 112 6.16 9.06 -15.95
C ARG A 112 6.92 8.87 -17.28
N ASP A 113 7.63 9.88 -17.75
CA ASP A 113 8.24 9.75 -19.07
C ASP A 113 9.57 8.98 -19.07
N THR A 114 9.99 8.49 -17.91
CA THR A 114 11.34 7.96 -17.75
C THR A 114 11.41 6.45 -17.93
N VAL A 115 12.59 5.94 -18.29
CA VAL A 115 12.76 4.54 -18.58
C VAL A 115 12.59 3.67 -17.32
N PHE A 116 12.92 4.19 -16.15
CA PHE A 116 12.67 3.46 -14.91
C PHE A 116 11.21 3.27 -14.58
N TYR A 117 10.46 4.36 -14.69
CA TYR A 117 9.03 4.33 -14.43
C TYR A 117 8.41 3.30 -15.35
N ARG A 118 8.77 3.36 -16.63
CA ARG A 118 8.16 2.52 -17.65
C ARG A 118 8.52 1.03 -17.47
N ALA A 119 9.73 0.74 -17.04
CA ALA A 119 10.08 -0.65 -16.74
C ALA A 119 9.18 -1.24 -15.63
N ALA A 120 8.89 -0.43 -14.61
CA ALA A 120 8.06 -0.89 -13.50
C ALA A 120 6.64 -1.15 -13.99
N VAL A 121 6.14 -0.30 -14.88
CA VAL A 121 4.83 -0.51 -15.47
C VAL A 121 4.82 -1.85 -16.20
N ARG A 122 5.84 -2.10 -17.00
CA ARG A 122 5.93 -3.32 -17.78
C ARG A 122 6.08 -4.55 -16.90
N LEU A 123 6.94 -4.46 -15.89
CA LEU A 123 7.08 -5.57 -14.96
C LEU A 123 5.76 -5.83 -14.20
N ARG A 124 5.01 -4.78 -13.88
CA ARG A 124 3.72 -4.96 -13.23
CA ARG A 124 3.72 -4.98 -13.23
C ARG A 124 2.76 -5.74 -14.14
N ASP A 125 2.73 -5.37 -15.40
CA ASP A 125 1.84 -6.02 -16.36
C ASP A 125 2.26 -7.47 -16.64
N GLN A 126 3.51 -7.69 -17.04
CA GLN A 126 4.06 -9.05 -17.19
C GLN A 126 3.77 -9.89 -15.95
N GLY A 127 4.05 -9.31 -14.80
CA GLY A 127 3.93 -9.99 -13.54
C GLY A 127 2.51 -10.39 -13.20
N GLY A 128 1.55 -9.53 -13.56
CA GLY A 128 0.15 -9.82 -13.29
C GLY A 128 -0.34 -11.15 -13.84
N VAL A 129 0.25 -11.61 -14.94
CA VAL A 129 -0.15 -12.89 -15.50
C VAL A 129 0.39 -14.04 -14.66
N VAL A 130 1.66 -13.92 -14.30
CA VAL A 130 2.30 -14.94 -13.49
C VAL A 130 1.56 -15.08 -12.16
N LEU A 131 1.19 -13.94 -11.57
CA LEU A 131 0.52 -13.94 -10.29
C LEU A 131 -0.92 -14.42 -10.39
N ARG A 132 -1.53 -14.24 -11.57
CA ARG A 132 -2.92 -14.62 -11.74
C ARG A 132 -3.06 -16.11 -11.51
N GLN A 133 -2.20 -16.91 -12.15
CA GLN A 133 -2.31 -18.35 -12.02
C GLN A 133 -1.76 -18.86 -10.70
N ALA A 134 -0.76 -18.16 -10.16
CA ALA A 134 -0.24 -18.48 -8.85
C ALA A 134 -1.37 -18.47 -7.82
N ARG A 135 -2.26 -17.49 -7.90
CA ARG A 135 -3.38 -17.36 -6.96
C ARG A 135 -4.35 -18.52 -7.09
N ARG A 136 -4.41 -19.11 -8.28
CA ARG A 136 -5.32 -20.21 -8.51
C ARG A 136 -4.74 -21.52 -8.02
N GLU A 137 -3.43 -21.71 -8.19
CA GLU A 137 -2.78 -22.94 -7.74
C GLU A 137 -2.80 -23.01 -6.22
N VAL A 138 -2.40 -21.91 -5.58
CA VAL A 138 -2.50 -21.76 -4.14
C VAL A 138 -3.89 -22.11 -3.62
N ASP A 139 -4.92 -21.61 -4.28
CA ASP A 139 -6.29 -21.91 -3.87
C ASP A 139 -6.64 -23.38 -4.12
N SER A 140 -6.34 -23.87 -5.32
CA SER A 140 -6.64 -25.24 -5.71
C SER A 140 -5.91 -26.26 -4.83
N ILE A 141 -4.59 -26.14 -4.76
CA ILE A 141 -3.79 -27.02 -3.92
C ILE A 141 -4.05 -26.75 -2.45
N GLY A 142 -4.68 -25.61 -2.15
CA GLY A 142 -5.08 -25.29 -0.80
C GLY A 142 -3.93 -25.14 0.18
N LEU A 143 -3.33 -23.95 0.21
CA LEU A 143 -2.09 -23.72 0.98
C LEU A 143 -2.16 -22.55 1.97
N GLU A 144 -3.35 -22.18 2.43
CA GLU A 144 -3.47 -21.07 3.38
C GLU A 144 -4.62 -21.23 4.37
N SER B 22 -30.05 -5.26 24.18
CA SER B 22 -29.16 -6.11 24.97
C SER B 22 -27.85 -5.38 25.30
N MET B 23 -27.14 -5.86 26.31
N MET B 23 -27.15 -5.91 26.31
CA MET B 23 -25.87 -5.25 26.67
CA MET B 23 -25.84 -5.41 26.73
C MET B 23 -24.87 -5.34 25.52
C MET B 23 -24.87 -5.38 25.57
N GLU B 24 -24.99 -6.39 24.71
CA GLU B 24 -24.05 -6.60 23.63
C GLU B 24 -24.27 -5.63 22.49
N GLN B 25 -25.52 -5.31 22.21
CA GLN B 25 -25.85 -4.28 21.24
C GLN B 25 -25.37 -2.90 21.67
N VAL B 26 -25.60 -2.55 22.93
CA VAL B 26 -25.14 -1.28 23.49
C VAL B 26 -23.64 -1.13 23.30
N ALA B 27 -22.90 -2.21 23.58
CA ALA B 27 -21.45 -2.12 23.50
C ALA B 27 -21.05 -2.03 22.04
N MET B 28 -21.75 -2.77 21.19
CA MET B 28 -21.43 -2.75 19.77
C MET B 28 -21.68 -1.36 19.20
N GLU B 29 -22.83 -0.78 19.52
CA GLU B 29 -23.13 0.58 19.01
C GLU B 29 -22.17 1.64 19.57
N LEU B 30 -21.78 1.49 20.83
CA LEU B 30 -20.80 2.42 21.42
C LEU B 30 -19.43 2.41 20.72
N ARG B 31 -18.92 1.22 20.38
CA ARG B 31 -17.67 1.10 19.62
C ARG B 31 -17.80 1.74 18.24
N LEU B 32 -18.99 1.60 17.67
CA LEU B 32 -19.24 2.16 16.38
C LEU B 32 -19.13 3.67 16.45
N THR B 33 -19.81 4.29 17.42
CA THR B 33 -19.86 5.74 17.43
C THR B 33 -18.54 6.33 17.91
N GLU B 34 -17.80 5.54 18.68
CA GLU B 34 -16.52 6.00 19.20
C GLU B 34 -15.44 5.98 18.13
N LEU B 35 -15.40 4.90 17.35
CA LEU B 35 -14.59 4.84 16.12
C LEU B 35 -14.85 6.03 15.19
N THR B 36 -16.11 6.35 14.97
CA THR B 36 -16.50 7.44 14.08
C THR B 36 -16.04 8.79 14.64
N ARG B 37 -16.19 9.00 15.93
CA ARG B 37 -15.70 10.22 16.58
CA ARG B 37 -15.71 10.21 16.58
C ARG B 37 -14.21 10.36 16.37
N LEU B 38 -13.49 9.26 16.54
CA LEU B 38 -12.07 9.26 16.37
C LEU B 38 -11.66 9.54 14.90
N LEU B 39 -12.21 8.80 13.95
CA LEU B 39 -11.86 9.02 12.54
C LEU B 39 -12.21 10.44 12.05
N ARG B 40 -13.26 11.00 12.60
CA ARG B 40 -13.68 12.34 12.24
C ARG B 40 -12.63 13.34 12.72
N SER B 41 -12.15 13.15 13.95
CA SER B 41 -11.11 14.01 14.49
C SER B 41 -9.82 13.89 13.66
N VAL B 42 -9.45 12.66 13.31
CA VAL B 42 -8.30 12.41 12.44
C VAL B 42 -8.42 13.12 11.10
N LEU B 43 -9.57 12.98 10.44
CA LEU B 43 -9.76 13.53 9.12
C LEU B 43 -9.72 15.07 9.19
N ASP B 44 -10.26 15.64 10.25
N ASP B 44 -10.26 15.65 10.26
CA ASP B 44 -10.20 17.09 10.42
CA ASP B 44 -10.19 17.10 10.45
C ASP B 44 -8.76 17.56 10.60
C ASP B 44 -8.74 17.56 10.58
N GLN B 45 -7.93 16.78 11.28
CA GLN B 45 -6.52 17.12 11.50
C GLN B 45 -5.72 17.02 10.21
N LEU B 46 -6.07 16.04 9.38
CA LEU B 46 -5.47 15.89 8.07
C LEU B 46 -5.84 17.05 7.15
N GLN B 47 -7.14 17.33 7.01
CA GLN B 47 -7.51 18.43 6.13
C GLN B 47 -6.96 19.75 6.58
N ASP B 48 -6.97 19.98 7.88
CA ASP B 48 -6.36 21.18 8.47
CA ASP B 48 -6.39 21.20 8.43
C ASP B 48 -4.97 21.45 7.94
N LYS B 49 -4.25 20.40 7.60
CA LYS B 49 -2.87 20.56 7.16
C LYS B 49 -2.79 20.92 5.68
N ASP B 50 -3.93 20.96 5.00
CA ASP B 50 -3.93 21.17 3.55
C ASP B 50 -4.71 22.44 3.20
N PRO B 51 -4.21 23.59 3.63
CA PRO B 51 -5.02 24.78 3.39
C PRO B 51 -5.13 25.18 1.91
N ALA B 52 -4.23 24.70 1.05
CA ALA B 52 -4.33 24.95 -0.39
C ALA B 52 -5.42 24.10 -1.07
N ARG B 53 -6.01 23.18 -0.30
CA ARG B 53 -7.08 22.30 -0.75
CA ARG B 53 -7.09 22.32 -0.76
C ARG B 53 -6.65 21.42 -1.92
N ILE B 54 -5.39 21.03 -1.92
CA ILE B 54 -4.82 20.16 -2.95
C ILE B 54 -5.43 18.76 -2.95
N PHE B 55 -5.80 18.28 -1.76
CA PHE B 55 -6.36 16.94 -1.64
C PHE B 55 -7.83 16.98 -1.22
N ALA B 56 -8.46 18.13 -1.37
CA ALA B 56 -9.79 18.31 -0.81
C ALA B 56 -10.88 17.62 -1.63
N GLN B 57 -10.65 17.51 -2.94
CA GLN B 57 -11.66 17.08 -3.91
C GLN B 57 -11.06 16.11 -4.92
N PRO B 58 -11.90 15.34 -5.65
CA PRO B 58 -11.40 14.49 -6.72
C PRO B 58 -10.59 15.27 -7.75
N VAL B 59 -9.50 14.70 -8.24
CA VAL B 59 -8.81 15.30 -9.37
C VAL B 59 -9.79 15.46 -10.55
N SER B 60 -9.90 16.68 -11.05
CA SER B 60 -10.77 16.98 -12.19
C SER B 60 -10.22 16.43 -13.50
N LEU B 61 -11.03 15.70 -14.25
CA LEU B 61 -10.57 15.20 -15.55
C LEU B 61 -10.66 16.27 -16.66
N LYS B 62 -11.52 17.26 -16.49
CA LYS B 62 -11.48 18.40 -17.37
C LYS B 62 -10.08 19.00 -17.27
N GLU B 63 -9.54 19.07 -16.06
CA GLU B 63 -8.23 19.68 -15.84
C GLU B 63 -7.09 18.71 -16.10
N VAL B 64 -7.28 17.44 -15.79
CA VAL B 64 -6.20 16.47 -15.99
C VAL B 64 -6.74 15.26 -16.74
N PRO B 65 -6.93 15.41 -18.06
CA PRO B 65 -7.59 14.40 -18.91
C PRO B 65 -6.98 12.99 -18.83
N ASP B 66 -5.68 12.91 -18.61
CA ASP B 66 -5.04 11.59 -18.63
C ASP B 66 -4.94 10.95 -17.24
N TYR B 67 -5.54 11.56 -16.22
CA TYR B 67 -5.36 11.09 -14.85
C TYR B 67 -5.67 9.62 -14.74
N LEU B 68 -6.82 9.23 -15.25
CA LEU B 68 -7.25 7.85 -15.08
C LEU B 68 -6.45 6.90 -15.94
N ASP B 69 -5.63 7.42 -16.86
CA ASP B 69 -4.75 6.53 -17.62
C ASP B 69 -3.70 5.93 -16.68
N HIS B 70 -3.27 6.70 -15.70
CA HIS B 70 -2.23 6.23 -14.79
C HIS B 70 -2.76 5.86 -13.41
N ILE B 71 -3.81 6.51 -12.95
CA ILE B 71 -4.29 6.23 -11.59
C ILE B 71 -5.60 5.45 -11.61
N LYS B 72 -5.56 4.21 -11.09
CA LYS B 72 -6.74 3.34 -11.14
C LYS B 72 -7.70 3.47 -9.95
N HIS B 73 -7.19 3.89 -8.80
CA HIS B 73 -8.04 4.09 -7.62
C HIS B 73 -7.90 5.50 -7.02
N PRO B 74 -8.57 6.47 -7.62
CA PRO B 74 -8.57 7.88 -7.18
C PRO B 74 -9.11 8.08 -5.76
N MET B 75 -8.49 8.94 -4.96
CA MET B 75 -8.99 9.21 -3.61
C MET B 75 -8.73 10.66 -3.26
N ASP B 76 -9.54 11.19 -2.35
CA ASP B 76 -9.48 12.57 -1.89
C ASP B 76 -10.20 12.69 -0.53
N PHE B 77 -9.96 13.76 0.19
CA PHE B 77 -10.59 13.94 1.49
C PHE B 77 -12.12 13.96 1.45
N ALA B 78 -12.74 14.58 0.45
CA ALA B 78 -14.20 14.64 0.45
C ALA B 78 -14.78 13.24 0.31
N THR B 79 -14.19 12.45 -0.57
CA THR B 79 -14.62 11.06 -0.73
C THR B 79 -14.45 10.29 0.57
N MET B 80 -13.37 10.54 1.30
CA MET B 80 -13.21 9.89 2.59
C MET B 80 -14.25 10.41 3.59
N ARG B 81 -14.54 11.70 3.60
CA ARG B 81 -15.49 12.20 4.58
C ARG B 81 -16.89 11.60 4.30
N LYS B 82 -17.21 11.46 3.02
CA LYS B 82 -18.44 10.78 2.60
C LYS B 82 -18.49 9.33 3.02
N ARG B 83 -17.39 8.60 2.88
CA ARG B 83 -17.40 7.20 3.32
C ARG B 83 -17.49 7.06 4.86
N LEU B 84 -16.78 7.92 5.57
CA LEU B 84 -16.81 7.94 7.01
C LEU B 84 -18.21 8.24 7.56
N GLU B 85 -18.83 9.31 7.07
CA GLU B 85 -20.08 9.75 7.65
C GLU B 85 -21.25 8.81 7.26
N ALA B 86 -20.98 7.86 6.39
CA ALA B 86 -21.99 6.89 5.97
C ALA B 86 -21.69 5.51 6.55
N GLN B 87 -20.91 5.48 7.62
CA GLN B 87 -20.52 4.24 8.30
C GLN B 87 -19.77 3.29 7.41
N GLY B 88 -19.02 3.82 6.47
CA GLY B 88 -18.33 2.99 5.50
C GLY B 88 -16.99 2.45 5.95
N TYR B 89 -16.42 2.99 7.01
CA TYR B 89 -15.18 2.47 7.51
C TYR B 89 -15.43 1.53 8.67
N LYS B 90 -14.94 0.29 8.57
CA LYS B 90 -15.20 -0.67 9.63
C LYS B 90 -14.13 -0.60 10.71
N ASN B 91 -12.93 -0.12 10.35
CA ASN B 91 -11.84 0.04 11.31
C ASN B 91 -10.85 1.09 10.86
N LEU B 92 -9.83 1.36 11.68
CA LEU B 92 -8.82 2.34 11.32
C LEU B 92 -7.99 1.92 10.10
N HIS B 93 -7.77 0.64 9.89
CA HIS B 93 -6.94 0.21 8.77
C HIS B 93 -7.55 0.59 7.42
N GLU B 94 -8.84 0.40 7.29
CA GLU B 94 -9.53 0.73 6.05
C GLU B 94 -9.41 2.22 5.78
N PHE B 95 -9.40 3.01 6.85
CA PHE B 95 -9.20 4.46 6.77
C PHE B 95 -7.75 4.79 6.34
N GLU B 96 -6.78 4.11 6.94
CA GLU B 96 -5.37 4.27 6.58
CA GLU B 96 -5.38 4.29 6.59
C GLU B 96 -5.13 3.98 5.11
N GLU B 97 -5.84 3.00 4.58
CA GLU B 97 -5.67 2.63 3.18
C GLU B 97 -6.15 3.71 2.21
N ASP B 98 -7.25 4.38 2.54
CA ASP B 98 -7.73 5.46 1.70
C ASP B 98 -6.78 6.66 1.75
N PHE B 99 -6.25 6.98 2.93
CA PHE B 99 -5.29 8.06 3.07
C PHE B 99 -4.03 7.73 2.29
N ASP B 100 -3.59 6.48 2.36
CA ASP B 100 -2.43 6.02 1.62
C ASP B 100 -2.62 6.17 0.13
N LEU B 101 -3.82 5.86 -0.34
CA LEU B 101 -4.19 6.11 -1.72
C LEU B 101 -4.01 7.55 -2.15
N ILE B 102 -4.42 8.48 -1.30
CA ILE B 102 -4.30 9.90 -1.64
C ILE B 102 -2.85 10.31 -1.88
N ILE B 103 -1.97 9.83 -0.98
CA ILE B 103 -0.53 10.10 -1.03
C ILE B 103 0.14 9.40 -2.18
N ASP B 104 -0.02 8.09 -2.23
CA ASP B 104 0.51 7.27 -3.29
C ASP B 104 0.13 7.72 -4.68
N ASN B 105 -1.14 8.07 -4.88
CA ASN B 105 -1.59 8.51 -6.21
C ASN B 105 -0.82 9.74 -6.66
N CYS B 106 -0.69 10.68 -5.75
CA CYS B 106 -0.08 11.97 -6.01
C CYS B 106 1.42 11.81 -6.24
N MET B 107 2.06 10.95 -5.45
CA MET B 107 3.50 10.72 -5.63
C MET B 107 3.81 9.92 -6.92
N LYS B 108 2.86 9.10 -7.36
CA LYS B 108 3.02 8.35 -8.59
CA LYS B 108 3.00 8.34 -8.60
C LYS B 108 2.80 9.25 -9.81
N TYR B 109 1.75 10.07 -9.76
CA TYR B 109 1.45 10.90 -10.91
C TYR B 109 2.42 12.08 -11.10
N ASN B 110 2.75 12.77 -10.03
CA ASN B 110 3.57 13.97 -10.14
C ASN B 110 5.03 13.65 -10.00
N ALA B 111 5.87 14.31 -10.77
CA ALA B 111 7.31 14.12 -10.62
C ALA B 111 7.80 14.73 -9.31
N ARG B 112 8.91 14.21 -8.81
CA ARG B 112 9.29 14.51 -7.44
C ARG B 112 9.81 15.94 -7.22
N ASP B 113 10.18 16.65 -8.28
CA ASP B 113 10.59 18.05 -8.12
C ASP B 113 9.40 19.01 -8.06
N THR B 114 8.19 18.47 -8.05
CA THR B 114 7.00 19.31 -8.14
C THR B 114 6.46 19.71 -6.77
N VAL B 115 5.76 20.85 -6.72
CA VAL B 115 5.11 21.32 -5.51
C VAL B 115 4.05 20.31 -4.99
N PHE B 116 3.30 19.70 -5.91
CA PHE B 116 2.26 18.78 -5.48
C PHE B 116 2.85 17.46 -4.95
N TYR B 117 3.94 17.00 -5.54
CA TYR B 117 4.59 15.78 -5.01
C TYR B 117 5.08 16.04 -3.59
N ARG B 118 5.60 17.25 -3.38
CA ARG B 118 6.27 17.56 -2.13
C ARG B 118 5.22 17.78 -1.05
N ALA B 119 4.06 18.29 -1.47
CA ALA B 119 2.90 18.39 -0.62
C ALA B 119 2.43 17.03 -0.11
N ALA B 120 2.54 16.02 -0.97
CA ALA B 120 2.12 14.67 -0.59
C ALA B 120 3.09 14.08 0.41
N VAL B 121 4.40 14.25 0.15
CA VAL B 121 5.46 13.80 1.07
C VAL B 121 5.30 14.43 2.44
N ARG B 122 5.02 15.72 2.41
CA ARG B 122 4.75 16.51 3.60
C ARG B 122 3.53 16.00 4.35
N LEU B 123 2.40 15.87 3.65
CA LEU B 123 1.19 15.35 4.27
C LEU B 123 1.34 13.89 4.77
N ARG B 124 2.16 13.10 4.08
CA ARG B 124 2.43 11.74 4.52
C ARG B 124 3.18 11.73 5.86
N ASP B 125 4.23 12.53 5.99
CA ASP B 125 4.94 12.69 7.25
C ASP B 125 4.03 13.10 8.40
N GLN B 126 3.31 14.20 8.20
CA GLN B 126 2.44 14.71 9.24
C GLN B 126 1.31 13.71 9.50
N GLY B 127 0.80 13.13 8.41
CA GLY B 127 -0.29 12.17 8.48
C GLY B 127 0.06 10.89 9.23
N GLY B 128 1.28 10.39 9.04
CA GLY B 128 1.70 9.18 9.72
C GLY B 128 1.82 9.39 11.23
N VAL B 129 2.17 10.59 11.65
CA VAL B 129 2.24 10.82 13.07
C VAL B 129 0.84 10.78 13.69
N VAL B 130 -0.12 11.45 13.03
CA VAL B 130 -1.50 11.47 13.48
C VAL B 130 -2.10 10.06 13.50
N LEU B 131 -1.71 9.23 12.55
CA LEU B 131 -2.33 7.92 12.41
C LEU B 131 -1.78 6.96 13.41
N ARG B 132 -0.52 7.11 13.79
CA ARG B 132 0.05 6.25 14.82
C ARG B 132 -0.63 6.60 16.12
N GLN B 133 -0.88 7.89 16.32
CA GLN B 133 -1.52 8.35 17.54
C GLN B 133 -2.93 7.78 17.59
N ALA B 134 -3.56 7.69 16.41
CA ALA B 134 -4.91 7.15 16.33
C ALA B 134 -4.89 5.66 16.65
N ARG B 135 -3.85 4.96 16.23
CA ARG B 135 -3.70 3.55 16.56
C ARG B 135 -3.66 3.39 18.08
N ARG B 136 -2.94 4.29 18.76
CA ARG B 136 -2.84 4.24 20.22
C ARG B 136 -4.20 4.49 20.87
N GLU B 137 -4.97 5.42 20.29
CA GLU B 137 -6.29 5.69 20.81
C GLU B 137 -7.20 4.49 20.61
N VAL B 138 -7.09 3.83 19.47
CA VAL B 138 -7.88 2.63 19.20
C VAL B 138 -7.66 1.60 20.29
N ASP B 139 -6.40 1.41 20.65
CA ASP B 139 -6.04 0.44 21.66
C ASP B 139 -6.46 0.91 23.05
N SER B 140 -6.31 2.20 23.32
CA SER B 140 -6.72 2.74 24.61
C SER B 140 -8.23 2.68 24.79
N ILE B 141 -8.98 2.96 23.72
CA ILE B 141 -10.44 2.92 23.80
C ILE B 141 -11.01 1.51 23.78
N GLY B 142 -10.34 0.61 23.07
CA GLY B 142 -10.88 -0.73 22.92
C GLY B 142 -11.81 -0.90 21.73
N LEU B 143 -11.40 -0.32 20.61
CA LEU B 143 -12.21 -0.36 19.42
C LEU B 143 -12.06 -1.68 18.68
N GLU B 144 -10.92 -2.36 18.87
CA GLU B 144 -10.77 -3.71 18.32
C GLU B 144 -10.38 -4.71 19.42
N1 8T7 C . 15.29 1.27 -9.13
N3 8T7 C . 17.49 0.34 -9.60
C4 8T7 C . 18.38 3.21 -9.20
C5 8T7 C . 19.46 2.58 -8.59
C6 8T7 C . 20.74 3.11 -8.74
C7 8T7 C . 20.95 4.23 -9.49
C8 8T7 C . 19.90 4.85 -10.13
C10 8T7 C . 15.81 3.37 -8.80
C1 8T7 C . 14.47 0.08 -9.23
C2 8T7 C . 16.63 1.35 -9.28
C3 8T7 C . 17.01 2.68 -9.08
C9 8T7 C . 18.62 4.35 -9.97
C11 8T7 C . 15.65 4.81 -8.47
F1 8T7 C . 16.54 5.16 -7.54
F2 8T7 C . 14.42 4.97 -7.96
F3 8T7 C . 15.84 5.58 -9.52
N2 8T7 C . 14.80 2.50 -8.82
NA NA D . 6.43 10.68 -9.02
C1 EDO E . -3.05 3.54 11.51
O1 EDO E . -3.65 2.27 11.25
C2 EDO E . -1.54 3.37 11.62
O2 EDO E . -1.21 2.67 12.82
N1 8T7 F . -3.63 16.22 -6.84
N3 8T7 F . -5.02 18.22 -6.88
C4 8T7 F . -4.19 18.20 -9.85
C5 8T7 F . -5.43 18.84 -9.84
C6 8T7 F . -5.73 19.77 -10.82
C7 8T7 F . -4.80 20.09 -11.78
C8 8T7 F . -3.57 19.49 -11.78
C10 8T7 F . -2.99 16.09 -8.93
C1 8T7 F . -3.76 15.87 -5.44
C2 8T7 F . -4.21 17.27 -7.46
C3 8T7 F . -3.83 17.21 -8.80
C9 8T7 F . -3.27 18.54 -10.82
C11 8T7 F . -2.34 15.56 -10.15
F1 8T7 F . -3.24 15.52 -11.12
F2 8T7 F . -1.99 14.31 -9.83
F3 8T7 F . -1.29 16.27 -10.53
N2 8T7 F . -2.90 15.51 -7.74
#